data_6U2G
#
_entry.id   6U2G
#
_cell.length_a   117.420
_cell.length_b   117.420
_cell.length_c   130.273
_cell.angle_alpha   90.000
_cell.angle_beta   90.000
_cell.angle_gamma   120.000
#
_symmetry.space_group_name_H-M   'P 31 2 1'
#
loop_
_entity.id
_entity.type
_entity.pdbx_description
1 polymer 'Dual specificity mitogen-activated protein kinase kinase 1'
2 polymer 'Serine/threonine-protein kinase B-raf'
3 non-polymer 'PHOSPHOMETHYLPHOSPHONIC ACID ADENYLATE ESTER'
4 non-polymer 'MAGNESIUM ION'
5 non-polymer 'SULFATE ION'
6 water water
#
loop_
_entity_poly.entity_id
_entity_poly.type
_entity_poly.pdbx_seq_one_letter_code
_entity_poly.pdbx_strand_id
1 'polypeptide(L)'
;GSPKKKPTPIQLNPAPDGSAVNGTSSAETNLEALQKKLEELELDEQQRKRLEAFLTQKQKVGELKDDDFEKISELGAGNG
GVVFKVSHKPSGLVMARKLIHLEIKPAIRNQIIRELQVLHECNSPYIVGFYGAFYSDGEISICMEHMDGGSLDQVLKKAG
RIPEQILGKVSIAVIKGLTYLREKHKIMHRDVKPSNILVNSRGEIKLCDFGVSGQLIDSMANSFVGTRSYMSPERLQGTH
YSVQSDIWSMGLSLVEMAVGRYPIPPPDAKELELMFGCQVEGDAAETPPRPRTPGRPLSSYGMDSRPPMAIFELLDYIVN
EPPPKLPSGVFSLEFQDFVNKCLIKNPAERADLKQLMVHAFIKRSDAEEVDFAGWLCSTIGLNQPSTPTHAAGV
;
A
2 'polypeptide(L)'
;MDRGSHHHHHHGSEDRNRMKTLGRRDSSDDWEIPDGQITVGQRIGSGSFGTVYKGKWHGDVAVKMLNVTAPTPQQLQAFK
NEVGVLRKTRHVNILLFMGYSTKPQLAIVTQWCEGSSLYHHLHIIETKFEMIKLIDIARQTAQGMDYLHAKSIIHRDLKS
NNIFLHEDLTVKIGDFGLATVKSRWSGSHQFEQLSGSILWMAPEVIRMQDKNPYSFQSDVYAFGIVLYELMTGQLPYSNI
NNRDQIIFMVGRGYLSPDLSKVRSNCPKAMKRLMAECLKKKRDERPLFPQILASIELLARSLPKIHR
;
B
#
loop_
_chem_comp.id
_chem_comp.type
_chem_comp.name
_chem_comp.formula
ACP non-polymer 'PHOSPHOMETHYLPHOSPHONIC ACID ADENYLATE ESTER' 'C11 H18 N5 O12 P3'
MG non-polymer 'MAGNESIUM ION' 'Mg 2'
SO4 non-polymer 'SULFATE ION' 'O4 S -2'
#
# COMPACT_ATOMS: atom_id res chain seq x y z
N ASP A 44 -28.16 -10.46 21.51
CA ASP A 44 -29.54 -10.53 21.06
C ASP A 44 -29.89 -11.90 20.50
N GLU A 45 -31.18 -12.24 20.57
CA GLU A 45 -31.75 -13.42 19.90
C GLU A 45 -31.16 -13.62 18.49
N GLN A 46 -31.22 -12.59 17.65
CA GLN A 46 -31.06 -12.81 16.22
C GLN A 46 -29.60 -12.94 15.82
N GLN A 47 -28.67 -12.29 16.56
CA GLN A 47 -27.26 -12.52 16.32
C GLN A 47 -26.88 -13.98 16.60
N ARG A 48 -27.39 -14.54 17.69
CA ARG A 48 -27.18 -15.96 17.97
C ARG A 48 -27.70 -16.82 16.83
N LYS A 49 -28.96 -16.61 16.41
CA LYS A 49 -29.49 -17.35 15.25
C LYS A 49 -28.56 -17.31 14.03
N ARG A 50 -28.34 -16.12 13.48
CA ARG A 50 -27.63 -15.99 12.20
C ARG A 50 -26.20 -16.48 12.30
N LEU A 51 -25.52 -16.11 13.39
CA LEU A 51 -24.17 -16.57 13.62
C LEU A 51 -24.11 -18.10 13.57
N GLU A 52 -24.96 -18.78 14.36
CA GLU A 52 -24.94 -20.23 14.33
C GLU A 52 -25.06 -20.75 12.90
N ALA A 53 -26.05 -20.25 12.15
CA ALA A 53 -26.26 -20.71 10.78
C ALA A 53 -24.99 -20.59 9.93
N PHE A 54 -24.30 -19.46 10.07
CA PHE A 54 -22.99 -19.33 9.41
C PHE A 54 -22.04 -20.43 9.86
N LEU A 55 -21.96 -20.70 11.16
CA LEU A 55 -21.01 -21.72 11.63
C LEU A 55 -21.33 -23.09 11.05
N THR A 56 -22.61 -23.40 10.84
CA THR A 56 -22.95 -24.72 10.30
C THR A 56 -22.55 -24.82 8.83
N GLN A 57 -22.98 -23.87 8.01
CA GLN A 57 -22.57 -24.01 6.62
C GLN A 57 -21.07 -23.70 6.43
N LYS A 58 -20.38 -23.25 7.48
CA LYS A 58 -18.92 -23.23 7.47
C LYS A 58 -18.37 -24.62 7.79
N GLN A 59 -19.04 -25.33 8.70
CA GLN A 59 -18.64 -26.72 8.98
C GLN A 59 -18.67 -27.56 7.73
N LYS A 60 -19.59 -27.27 6.79
CA LYS A 60 -19.65 -28.09 5.58
C LYS A 60 -18.71 -27.61 4.47
N VAL A 61 -17.86 -26.61 4.70
CA VAL A 61 -16.99 -26.14 3.62
C VAL A 61 -15.75 -27.05 3.45
N GLY A 62 -15.20 -27.59 4.53
CA GLY A 62 -14.06 -28.45 4.30
C GLY A 62 -12.79 -27.67 3.99
N GLU A 63 -11.83 -28.34 3.34
CA GLU A 63 -10.54 -27.71 3.08
C GLU A 63 -10.56 -26.99 1.74
N LEU A 64 -10.04 -25.77 1.72
CA LEU A 64 -10.13 -24.91 0.55
C LEU A 64 -9.01 -25.20 -0.44
N LYS A 65 -9.38 -25.40 -1.71
CA LYS A 65 -8.44 -25.63 -2.80
C LYS A 65 -8.82 -24.75 -3.97
N ASP A 66 -7.81 -24.28 -4.69
CA ASP A 66 -8.01 -23.31 -5.76
C ASP A 66 -8.92 -23.85 -6.87
N ASP A 67 -8.77 -25.11 -7.24
CA ASP A 67 -9.59 -25.59 -8.34
C ASP A 67 -11.07 -25.69 -7.99
N ASP A 68 -11.42 -25.52 -6.72
CA ASP A 68 -12.79 -25.65 -6.29
C ASP A 68 -13.57 -24.34 -6.39
N PHE A 69 -12.91 -23.24 -6.74
CA PHE A 69 -13.56 -21.94 -6.88
C PHE A 69 -13.74 -21.61 -8.35
N GLU A 70 -14.95 -21.20 -8.72
CA GLU A 70 -15.23 -20.60 -10.01
C GLU A 70 -15.45 -19.11 -9.80
N LYS A 71 -14.84 -18.31 -10.68
CA LYS A 71 -15.01 -16.87 -10.63
C LYS A 71 -16.41 -16.47 -11.11
N ILE A 72 -17.12 -15.72 -10.28
CA ILE A 72 -18.39 -15.13 -10.71
C ILE A 72 -18.15 -13.73 -11.25
N SER A 73 -17.69 -12.80 -10.41
CA SER A 73 -17.55 -11.41 -10.84
C SER A 73 -16.54 -10.67 -9.95
N GLU A 74 -16.19 -9.46 -10.36
CA GLU A 74 -15.20 -8.68 -9.62
C GLU A 74 -15.82 -7.77 -8.55
N LEU A 75 -15.26 -7.80 -7.36
CA LEU A 75 -15.81 -6.97 -6.29
C LEU A 75 -15.03 -5.68 -6.06
N GLY A 76 -13.86 -5.54 -6.67
CA GLY A 76 -13.04 -4.37 -6.48
C GLY A 76 -11.66 -4.73 -6.01
N ALA A 77 -10.79 -3.73 -6.05
CA ALA A 77 -9.38 -3.90 -5.71
C ALA A 77 -8.94 -2.78 -4.76
N GLY A 78 -7.88 -3.05 -4.02
CA GLY A 78 -7.32 -2.03 -3.16
C GLY A 78 -5.87 -1.76 -3.49
N ASN A 79 -5.06 -1.40 -2.50
CA ASN A 79 -3.62 -1.28 -2.67
C ASN A 79 -3.01 -2.62 -2.27
N GLY A 80 -2.99 -3.56 -3.22
CA GLY A 80 -2.34 -4.84 -3.03
C GLY A 80 -3.27 -6.03 -3.13
N GLY A 81 -4.53 -5.85 -2.74
CA GLY A 81 -5.46 -6.97 -2.81
C GLY A 81 -6.42 -6.89 -3.98
N VAL A 82 -6.98 -8.01 -4.41
CA VAL A 82 -8.09 -7.98 -5.36
C VAL A 82 -9.18 -8.90 -4.82
N VAL A 83 -10.45 -8.50 -4.95
CA VAL A 83 -11.52 -9.28 -4.37
C VAL A 83 -12.46 -9.73 -5.47
N PHE A 84 -12.82 -11.01 -5.43
CA PHE A 84 -13.74 -11.60 -6.39
C PHE A 84 -14.92 -12.23 -5.68
N LYS A 85 -16.08 -12.20 -6.33
CA LYS A 85 -17.26 -12.92 -5.86
C LYS A 85 -17.10 -14.25 -6.58
N VAL A 86 -17.10 -15.35 -5.83
CA VAL A 86 -16.77 -16.69 -6.30
C VAL A 86 -17.79 -17.69 -5.76
N SER A 87 -17.86 -18.83 -6.43
CA SER A 87 -18.65 -19.97 -6.00
C SER A 87 -17.72 -21.09 -5.56
N HIS A 88 -17.97 -21.61 -4.36
CA HIS A 88 -17.25 -22.79 -3.90
C HIS A 88 -18.06 -24.01 -4.31
N LYS A 89 -17.54 -24.78 -5.28
CA LYS A 89 -18.30 -25.86 -5.87
C LYS A 89 -18.64 -26.98 -4.89
N PRO A 90 -17.69 -27.56 -4.14
CA PRO A 90 -18.05 -28.71 -3.28
C PRO A 90 -19.14 -28.42 -2.26
N SER A 91 -19.19 -27.20 -1.74
CA SER A 91 -20.23 -26.80 -0.80
C SER A 91 -21.39 -26.07 -1.46
N GLY A 92 -21.14 -25.38 -2.57
CA GLY A 92 -22.18 -24.61 -3.23
C GLY A 92 -22.32 -23.19 -2.73
N LEU A 93 -21.54 -22.83 -1.71
CA LEU A 93 -21.60 -21.49 -1.14
C LEU A 93 -21.10 -20.46 -2.12
N VAL A 94 -21.60 -19.25 -2.00
CA VAL A 94 -21.04 -18.09 -2.66
C VAL A 94 -20.25 -17.30 -1.62
N MET A 95 -19.00 -17.00 -1.92
CA MET A 95 -18.22 -16.21 -0.98
C MET A 95 -17.41 -15.15 -1.74
N ALA A 96 -16.70 -14.33 -0.99
CA ALA A 96 -15.81 -13.31 -1.50
C ALA A 96 -14.36 -13.72 -1.22
N ARG A 97 -13.53 -13.69 -2.24
CA ARG A 97 -12.16 -14.18 -2.16
C ARG A 97 -11.21 -13.00 -2.39
N LYS A 98 -10.52 -12.57 -1.34
CA LYS A 98 -9.43 -11.62 -1.51
C LYS A 98 -8.16 -12.37 -1.87
N LEU A 99 -7.39 -11.80 -2.80
CA LEU A 99 -6.16 -12.39 -3.28
C LEU A 99 -5.06 -11.34 -3.15
N ILE A 100 -4.05 -11.65 -2.33
CA ILE A 100 -2.92 -10.76 -2.08
C ILE A 100 -1.67 -11.37 -2.70
N HIS A 101 -1.02 -10.60 -3.60
CA HIS A 101 0.22 -11.00 -4.25
C HIS A 101 1.40 -10.26 -3.61
N LEU A 102 2.20 -10.99 -2.81
CA LEU A 102 3.35 -10.42 -2.12
C LEU A 102 4.64 -11.10 -2.57
N GLU A 103 5.72 -10.34 -2.63
CA GLU A 103 7.04 -10.89 -2.90
C GLU A 103 7.79 -10.87 -1.57
N ILE A 104 7.83 -12.03 -0.92
CA ILE A 104 8.28 -12.17 0.45
C ILE A 104 8.90 -13.54 0.61
N LYS A 105 9.78 -13.69 1.63
CA LYS A 105 10.34 -14.99 1.97
C LYS A 105 9.22 -16.00 2.18
N PRO A 106 9.38 -17.23 1.70
CA PRO A 106 8.40 -18.29 2.00
C PRO A 106 8.16 -18.56 3.49
N ALA A 107 9.20 -18.43 4.32
CA ALA A 107 9.02 -18.52 5.76
C ALA A 107 8.00 -17.49 6.25
N ILE A 108 8.12 -16.26 5.76
CA ILE A 108 7.25 -15.21 6.26
C ILE A 108 5.83 -15.39 5.72
N ARG A 109 5.70 -15.88 4.49
CA ARG A 109 4.37 -16.19 3.95
C ARG A 109 3.70 -17.31 4.73
N ASN A 110 4.43 -18.37 5.06
CA ASN A 110 3.84 -19.41 5.89
C ASN A 110 3.51 -18.89 7.29
N GLN A 111 4.29 -17.93 7.79
CA GLN A 111 3.91 -17.32 9.05
C GLN A 111 2.59 -16.59 8.94
N ILE A 112 2.44 -15.78 7.88
CA ILE A 112 1.19 -15.07 7.64
C ILE A 112 0.01 -16.03 7.59
N ILE A 113 0.13 -17.13 6.82
CA ILE A 113 -0.98 -18.08 6.72
C ILE A 113 -1.33 -18.63 8.09
N ARG A 114 -0.30 -19.05 8.84
CA ARG A 114 -0.59 -19.50 10.21
C ARG A 114 -1.31 -18.42 11.02
N GLU A 115 -0.89 -17.16 10.93
CA GLU A 115 -1.54 -16.16 11.78
C GLU A 115 -2.95 -15.80 11.33
N LEU A 116 -3.22 -15.81 10.01
CA LEU A 116 -4.59 -15.63 9.54
C LEU A 116 -5.49 -16.76 10.04
N GLN A 117 -4.93 -17.92 10.34
CA GLN A 117 -5.78 -19.00 10.86
C GLN A 117 -6.55 -18.60 12.11
N VAL A 118 -6.11 -17.55 12.81
CA VAL A 118 -6.80 -17.06 13.99
C VAL A 118 -8.18 -16.56 13.67
N LEU A 119 -8.42 -16.16 12.41
CA LEU A 119 -9.73 -15.65 12.01
C LEU A 119 -10.83 -16.67 12.20
N HIS A 120 -10.50 -17.96 12.21
CA HIS A 120 -11.50 -18.99 12.44
C HIS A 120 -12.22 -18.81 13.76
N GLU A 121 -11.61 -18.13 14.73
CA GLU A 121 -12.24 -17.96 16.03
C GLU A 121 -12.79 -16.56 16.26
N CYS A 122 -12.66 -15.65 15.30
CA CYS A 122 -13.19 -14.29 15.43
C CYS A 122 -14.57 -14.21 14.77
N ASN A 123 -15.54 -14.83 15.42
CA ASN A 123 -16.89 -14.91 14.88
C ASN A 123 -17.83 -14.06 15.70
N SER A 124 -18.52 -13.15 15.02
CA SER A 124 -19.28 -12.10 15.67
C SER A 124 -20.16 -11.46 14.63
N PRO A 125 -21.33 -10.94 15.03
CA PRO A 125 -22.21 -10.30 14.05
C PRO A 125 -21.68 -8.96 13.51
N TYR A 126 -20.64 -8.42 14.12
CA TYR A 126 -19.99 -7.20 13.68
C TYR A 126 -18.67 -7.48 12.98
N ILE A 127 -18.36 -8.75 12.74
CA ILE A 127 -17.13 -9.18 12.09
C ILE A 127 -17.52 -9.98 10.86
N VAL A 128 -16.88 -9.66 9.72
CA VAL A 128 -17.22 -10.35 8.48
C VAL A 128 -16.95 -11.85 8.62
N GLY A 129 -17.92 -12.65 8.17
CA GLY A 129 -17.77 -14.09 8.28
C GLY A 129 -16.53 -14.58 7.52
N PHE A 130 -15.80 -15.49 8.13
CA PHE A 130 -14.55 -15.98 7.60
C PHE A 130 -14.62 -17.48 7.37
N TYR A 131 -14.30 -17.93 6.15
CA TYR A 131 -14.29 -19.35 5.81
C TYR A 131 -12.90 -19.97 5.85
N GLY A 132 -11.86 -19.28 5.41
CA GLY A 132 -10.57 -19.90 5.32
C GLY A 132 -9.55 -19.07 4.57
N ALA A 133 -8.29 -19.49 4.69
CA ALA A 133 -7.17 -18.75 4.16
C ALA A 133 -6.06 -19.73 3.78
N PHE A 134 -5.47 -19.55 2.61
CA PHE A 134 -4.47 -20.49 2.14
C PHE A 134 -3.63 -19.80 1.07
N TYR A 135 -2.63 -20.55 0.56
CA TYR A 135 -1.73 -20.02 -0.45
C TYR A 135 -1.75 -20.93 -1.65
N SER A 136 -1.66 -20.34 -2.84
CA SER A 136 -1.62 -21.11 -4.08
C SER A 136 -1.20 -20.15 -5.20
N ASP A 137 -0.47 -20.68 -6.17
CA ASP A 137 -0.08 -19.96 -7.39
C ASP A 137 0.25 -18.51 -7.14
N GLY A 138 1.16 -18.30 -6.18
CA GLY A 138 1.76 -17.00 -5.93
C GLY A 138 0.92 -16.06 -5.12
N GLU A 139 -0.30 -16.48 -4.76
CA GLU A 139 -1.32 -15.64 -4.15
C GLU A 139 -1.73 -16.19 -2.78
N ILE A 140 -1.94 -15.30 -1.81
CA ILE A 140 -2.64 -15.60 -0.56
C ILE A 140 -4.13 -15.32 -0.76
N SER A 141 -4.99 -16.31 -0.48
CA SER A 141 -6.44 -16.17 -0.59
C SER A 141 -7.08 -16.08 0.78
N ILE A 142 -7.92 -15.07 0.99
CA ILE A 142 -8.76 -14.94 2.20
C ILE A 142 -10.20 -15.07 1.77
N CYS A 143 -10.87 -16.15 2.19
CA CYS A 143 -12.25 -16.41 1.80
C CYS A 143 -13.19 -16.00 2.91
N MET A 144 -14.12 -15.10 2.59
CA MET A 144 -14.99 -14.57 3.61
C MET A 144 -16.41 -14.58 3.05
N GLU A 145 -17.40 -14.32 3.89
CA GLU A 145 -18.77 -14.25 3.36
C GLU A 145 -18.92 -13.02 2.46
N HIS A 146 -19.75 -13.16 1.44
CA HIS A 146 -20.01 -12.05 0.53
C HIS A 146 -21.06 -11.11 1.13
N MET A 147 -20.82 -9.80 0.97
CA MET A 147 -21.71 -8.79 1.52
C MET A 147 -22.28 -7.98 0.35
N ASP A 148 -23.54 -8.24 -0.03
CA ASP A 148 -24.07 -7.62 -1.24
C ASP A 148 -24.20 -6.10 -1.15
N GLY A 149 -24.05 -5.52 0.04
CA GLY A 149 -23.98 -4.09 0.16
C GLY A 149 -22.64 -3.47 -0.22
N GLY A 150 -21.56 -4.25 -0.19
CA GLY A 150 -20.24 -3.70 -0.45
C GLY A 150 -19.70 -2.96 0.76
N SER A 151 -18.71 -2.11 0.51
CA SER A 151 -18.15 -1.38 1.63
C SER A 151 -18.83 -0.03 1.75
N LEU A 152 -18.67 0.59 2.91
CA LEU A 152 -19.25 1.91 3.05
C LEU A 152 -18.50 2.96 2.23
N ASP A 153 -17.34 2.60 1.72
CA ASP A 153 -16.59 3.50 0.87
C ASP A 153 -17.42 3.70 -0.38
N GLN A 154 -17.76 2.60 -1.03
CA GLN A 154 -18.58 2.66 -2.24
C GLN A 154 -19.99 3.18 -1.98
N VAL A 155 -20.60 2.78 -0.87
CA VAL A 155 -21.93 3.25 -0.54
C VAL A 155 -21.91 4.75 -0.45
N LEU A 156 -20.86 5.28 0.17
CA LEU A 156 -20.69 6.71 0.29
C LEU A 156 -20.62 7.38 -1.07
N LYS A 157 -19.91 6.77 -2.05
CA LYS A 157 -19.93 7.35 -3.41
C LYS A 157 -21.34 7.35 -4.01
N LYS A 158 -22.14 6.32 -3.73
CA LYS A 158 -23.46 6.21 -4.33
C LYS A 158 -24.52 7.11 -3.67
N ALA A 159 -24.30 7.52 -2.41
CA ALA A 159 -25.32 8.26 -1.69
C ALA A 159 -25.00 9.73 -1.53
N GLY A 160 -23.78 10.15 -1.84
CA GLY A 160 -23.38 11.53 -1.63
C GLY A 160 -22.93 11.80 -0.22
N ARG A 161 -23.87 11.93 0.71
CA ARG A 161 -23.62 11.94 2.14
C ARG A 161 -24.42 10.79 2.73
N ILE A 162 -24.02 10.35 3.92
CA ILE A 162 -24.78 9.36 4.68
C ILE A 162 -25.40 10.08 5.88
N PRO A 163 -26.71 9.96 6.08
CA PRO A 163 -27.38 10.71 7.16
C PRO A 163 -26.84 10.37 8.53
N GLU A 164 -26.95 11.32 9.44
CA GLU A 164 -26.50 11.10 10.81
C GLU A 164 -27.26 9.94 11.46
N GLN A 165 -28.58 9.88 11.23
CA GLN A 165 -29.37 8.73 11.65
C GLN A 165 -28.67 7.39 11.33
N ILE A 166 -28.22 7.20 10.07
CA ILE A 166 -27.57 5.96 9.66
C ILE A 166 -26.17 5.81 10.27
N LEU A 167 -25.39 6.90 10.27
CA LEU A 167 -24.10 6.86 10.95
C LEU A 167 -24.23 6.50 12.42
N GLY A 168 -25.39 6.72 13.03
CA GLY A 168 -25.58 6.29 14.39
C GLY A 168 -25.40 4.79 14.51
N LYS A 169 -26.22 4.07 13.75
CA LYS A 169 -26.19 2.61 13.80
C LYS A 169 -24.81 2.10 13.39
N VAL A 170 -24.19 2.76 12.41
CA VAL A 170 -22.83 2.39 11.98
C VAL A 170 -21.85 2.51 13.14
N SER A 171 -21.86 3.64 13.84
CA SER A 171 -20.99 3.85 14.98
C SER A 171 -21.17 2.75 16.01
N ILE A 172 -22.41 2.37 16.30
CA ILE A 172 -22.64 1.30 17.25
C ILE A 172 -22.01 0.00 16.77
N ALA A 173 -22.19 -0.33 15.50
CA ALA A 173 -21.61 -1.56 14.98
C ALA A 173 -20.09 -1.55 15.09
N VAL A 174 -19.46 -0.43 14.75
CA VAL A 174 -18.01 -0.40 14.81
C VAL A 174 -17.53 -0.49 16.25
N ILE A 175 -18.14 0.27 17.17
CA ILE A 175 -17.71 0.20 18.57
C ILE A 175 -17.87 -1.21 19.10
N LYS A 176 -19.00 -1.86 18.80
CA LYS A 176 -19.21 -3.23 19.25
C LYS A 176 -18.16 -4.18 18.67
N GLY A 177 -17.77 -3.97 17.40
CA GLY A 177 -16.77 -4.84 16.80
C GLY A 177 -15.37 -4.65 17.37
N LEU A 178 -14.90 -3.40 17.43
CA LEU A 178 -13.63 -3.09 18.08
C LEU A 178 -13.60 -3.63 19.50
N THR A 179 -14.73 -3.55 20.19
CA THR A 179 -14.79 -4.07 21.55
C THR A 179 -14.62 -5.58 21.53
N TYR A 180 -15.35 -6.30 20.67
CA TYR A 180 -15.18 -7.75 20.62
C TYR A 180 -13.73 -8.12 20.35
N LEU A 181 -13.11 -7.47 19.35
CA LEU A 181 -11.72 -7.72 19.04
C LEU A 181 -10.84 -7.55 20.28
N ARG A 182 -10.95 -6.39 20.95
CA ARG A 182 -10.10 -6.11 22.10
C ARG A 182 -10.38 -7.07 23.26
N GLU A 183 -11.64 -7.21 23.67
CA GLU A 183 -11.95 -7.97 24.88
C GLU A 183 -11.62 -9.45 24.74
N LYS A 184 -11.87 -10.05 23.56
CA LYS A 184 -11.86 -11.50 23.48
C LYS A 184 -10.73 -12.05 22.63
N HIS A 185 -9.96 -11.18 21.97
CA HIS A 185 -8.81 -11.63 21.22
C HIS A 185 -7.61 -10.72 21.41
N LYS A 186 -7.73 -9.69 22.23
CA LYS A 186 -6.62 -8.76 22.49
C LYS A 186 -6.02 -8.25 21.18
N ILE A 187 -6.81 -8.09 20.13
CA ILE A 187 -6.29 -7.61 18.86
C ILE A 187 -7.02 -6.35 18.42
N MET A 188 -6.27 -5.43 17.82
CA MET A 188 -6.78 -4.20 17.27
C MET A 188 -7.28 -4.42 15.85
N HIS A 189 -7.94 -3.39 15.31
CA HIS A 189 -8.21 -3.40 13.89
C HIS A 189 -7.00 -2.88 13.10
N ARG A 190 -6.52 -1.68 13.41
CA ARG A 190 -5.38 -1.00 12.82
C ARG A 190 -5.68 -0.41 11.44
N ASP A 191 -6.81 -0.72 10.81
CA ASP A 191 -7.13 -0.15 9.51
C ASP A 191 -8.62 0.24 9.38
N VAL A 192 -9.13 0.97 10.38
CA VAL A 192 -10.54 1.38 10.34
C VAL A 192 -10.74 2.52 9.35
N LYS A 193 -11.68 2.32 8.44
CA LYS A 193 -11.98 3.28 7.39
C LYS A 193 -13.19 2.76 6.65
N PRO A 194 -13.87 3.61 5.89
CA PRO A 194 -15.13 3.14 5.29
C PRO A 194 -14.93 1.96 4.34
N SER A 195 -13.80 1.88 3.64
CA SER A 195 -13.63 0.70 2.78
C SER A 195 -13.52 -0.59 3.57
N ASN A 196 -13.30 -0.48 4.88
CA ASN A 196 -13.20 -1.64 5.77
C ASN A 196 -14.48 -1.93 6.56
N ILE A 197 -15.52 -1.12 6.36
CA ILE A 197 -16.83 -1.37 6.97
C ILE A 197 -17.76 -1.86 5.89
N LEU A 198 -18.20 -3.10 6.01
CA LEU A 198 -19.03 -3.78 5.02
C LEU A 198 -20.46 -3.87 5.52
N VAL A 199 -21.40 -3.87 4.60
CA VAL A 199 -22.82 -3.95 4.92
C VAL A 199 -23.49 -4.90 3.96
N ASN A 200 -24.70 -5.33 4.26
CA ASN A 200 -25.44 -6.21 3.37
C ASN A 200 -26.91 -5.83 3.43
N SER A 201 -27.73 -6.47 2.58
CA SER A 201 -29.14 -6.11 2.48
C SER A 201 -29.97 -6.58 3.67
N ARG A 202 -29.46 -7.48 4.51
CA ARG A 202 -30.14 -7.86 5.74
C ARG A 202 -29.97 -6.82 6.86
N GLY A 203 -29.47 -5.62 6.53
CA GLY A 203 -29.23 -4.57 7.51
C GLY A 203 -27.94 -4.68 8.29
N GLU A 204 -27.16 -5.75 8.09
CA GLU A 204 -25.99 -6.05 8.89
C GLU A 204 -24.82 -5.10 8.56
N ILE A 205 -24.06 -4.75 9.60
CA ILE A 205 -22.86 -3.92 9.48
C ILE A 205 -21.73 -4.68 10.16
N LYS A 206 -20.62 -4.89 9.45
CA LYS A 206 -19.54 -5.72 9.94
C LYS A 206 -18.19 -5.10 9.61
N LEU A 207 -17.21 -5.36 10.46
CA LEU A 207 -15.82 -4.97 10.20
C LEU A 207 -15.07 -6.07 9.47
N CYS A 208 -14.09 -5.64 8.64
CA CYS A 208 -13.19 -6.56 7.94
C CYS A 208 -11.80 -5.94 7.87
N ASP A 209 -10.86 -6.71 7.34
CA ASP A 209 -9.48 -6.31 7.17
C ASP A 209 -8.82 -5.79 8.45
N PHE A 210 -8.97 -6.51 9.54
CA PHE A 210 -8.35 -6.08 10.79
C PHE A 210 -7.03 -6.84 11.03
N GLY A 211 -6.15 -6.23 11.81
CA GLY A 211 -4.78 -6.69 11.95
C GLY A 211 -4.55 -7.91 12.79
N VAL A 212 -4.99 -9.08 12.32
CA VAL A 212 -4.72 -10.34 13.00
C VAL A 212 -3.33 -10.91 12.69
N SER A 213 -2.69 -10.51 11.59
CA SER A 213 -1.37 -10.99 11.21
C SER A 213 -0.41 -9.81 11.10
N GLY A 214 0.49 -9.68 12.06
CA GLY A 214 1.48 -8.63 11.98
C GLY A 214 2.44 -8.78 10.81
N GLN A 215 2.82 -10.03 10.47
CA GLN A 215 3.69 -10.19 9.31
C GLN A 215 3.02 -9.68 8.05
N LEU A 216 1.70 -9.87 7.94
CA LEU A 216 0.98 -9.35 6.78
C LEU A 216 1.06 -7.83 6.74
N ILE A 217 0.90 -7.20 7.90
CA ILE A 217 0.98 -5.74 7.94
C ILE A 217 2.35 -5.29 7.48
N ASP A 218 3.40 -5.88 8.08
CA ASP A 218 4.74 -5.42 7.75
C ASP A 218 5.13 -5.75 6.31
N SER A 219 4.54 -6.80 5.74
CA SER A 219 4.76 -7.00 4.32
C SER A 219 4.11 -5.88 3.53
N MET A 220 2.79 -5.67 3.74
CA MET A 220 2.04 -4.63 3.04
C MET A 220 2.72 -3.28 3.18
N ALA A 221 3.40 -3.05 4.31
CA ALA A 221 4.14 -1.81 4.54
C ALA A 221 5.29 -1.64 3.57
N ASN A 222 5.88 -2.71 3.09
CA ASN A 222 7.05 -2.52 2.28
C ASN A 222 6.70 -2.19 0.85
N SER A 223 5.43 -2.25 0.48
CA SER A 223 5.09 -1.75 -0.84
C SER A 223 3.84 -0.88 -0.72
N PHE A 224 3.19 -0.63 -1.86
CA PHE A 224 1.81 -0.16 -1.93
C PHE A 224 1.60 1.11 -1.09
N VAL A 225 2.21 2.20 -1.52
CA VAL A 225 1.82 3.50 -0.96
C VAL A 225 0.38 3.79 -1.33
N GLY A 226 -0.33 4.48 -0.44
CA GLY A 226 -1.63 5.00 -0.75
C GLY A 226 -1.56 6.49 -1.06
N THR A 227 -2.74 7.08 -1.20
CA THR A 227 -2.88 8.49 -1.53
C THR A 227 -3.53 9.29 -0.42
N ARG A 228 -4.06 8.62 0.61
CA ARG A 228 -4.59 9.31 1.77
C ARG A 228 -4.41 8.42 2.99
N SER A 229 -4.79 8.95 4.15
CA SER A 229 -4.49 8.24 5.38
C SER A 229 -5.55 8.49 6.44
N TYR A 230 -5.84 7.43 7.18
CA TYR A 230 -6.71 7.48 8.35
C TYR A 230 -5.93 7.21 9.63
N MET A 231 -4.60 7.37 9.58
CA MET A 231 -3.68 7.08 10.69
C MET A 231 -3.69 8.17 11.76
N SER A 232 -3.91 7.77 13.02
CA SER A 232 -3.93 8.72 14.13
C SER A 232 -2.65 9.54 14.18
N PRO A 233 -2.70 10.72 14.78
CA PRO A 233 -1.47 11.50 14.95
C PRO A 233 -0.50 10.90 15.95
N GLU A 234 -0.98 10.09 16.90
CA GLU A 234 -0.01 9.47 17.78
C GLU A 234 0.77 8.36 17.05
N ARG A 235 0.10 7.58 16.22
CA ARG A 235 0.78 6.52 15.50
C ARG A 235 1.76 7.08 14.47
N LEU A 236 1.40 8.15 13.78
CA LEU A 236 2.28 8.72 12.76
C LEU A 236 3.63 9.14 13.33
N GLN A 237 3.66 9.50 14.62
CA GLN A 237 4.87 9.92 15.29
C GLN A 237 5.53 8.77 16.05
N GLY A 238 5.06 7.55 15.82
CA GLY A 238 5.63 6.38 16.45
C GLY A 238 5.27 6.22 17.90
N THR A 239 4.00 6.42 18.24
CA THR A 239 3.50 6.19 19.58
C THR A 239 2.43 5.11 19.49
N HIS A 240 2.46 4.16 20.40
CA HIS A 240 1.50 3.08 20.35
C HIS A 240 0.58 3.14 21.54
N TYR A 241 -0.49 3.92 21.45
CA TYR A 241 -1.39 4.00 22.58
C TYR A 241 -2.61 3.08 22.42
N SER A 242 -2.35 1.88 21.91
CA SER A 242 -3.38 0.86 21.73
C SER A 242 -4.60 1.22 20.89
N VAL A 243 -5.79 0.88 21.42
CA VAL A 243 -7.11 1.05 20.82
C VAL A 243 -7.46 2.48 20.56
N GLN A 244 -6.66 3.38 21.08
CA GLN A 244 -6.90 4.79 20.84
C GLN A 244 -6.78 5.09 19.36
N SER A 245 -5.78 4.49 18.71
CA SER A 245 -5.58 4.62 17.29
C SER A 245 -6.85 4.28 16.50
N ASP A 246 -7.58 3.22 16.86
CA ASP A 246 -8.76 2.91 16.07
C ASP A 246 -9.91 3.89 16.32
N ILE A 247 -10.01 4.48 17.51
CA ILE A 247 -11.12 5.39 17.76
C ILE A 247 -10.97 6.64 16.92
N TRP A 248 -9.78 7.24 16.92
CA TRP A 248 -9.46 8.34 16.02
C TRP A 248 -9.90 8.03 14.59
N SER A 249 -9.51 6.84 14.11
CA SER A 249 -9.78 6.49 12.73
C SER A 249 -11.27 6.48 12.44
N MET A 250 -12.04 5.90 13.36
CA MET A 250 -13.47 5.86 13.18
C MET A 250 -14.02 7.27 13.11
N GLY A 251 -13.54 8.15 14.01
CA GLY A 251 -14.03 9.52 14.01
C GLY A 251 -13.79 10.15 12.66
N LEU A 252 -12.62 9.89 12.09
CA LEU A 252 -12.25 10.50 10.83
C LEU A 252 -13.12 9.94 9.73
N SER A 253 -13.50 8.66 9.86
CA SER A 253 -14.45 8.06 8.95
C SER A 253 -15.80 8.75 9.05
N LEU A 254 -16.28 8.96 10.28
CA LEU A 254 -17.63 9.46 10.46
C LEU A 254 -17.80 10.78 9.74
N VAL A 255 -16.90 11.73 10.04
CA VAL A 255 -16.90 13.04 9.41
C VAL A 255 -17.06 12.88 7.91
N GLU A 256 -16.21 12.03 7.30
CA GLU A 256 -16.24 11.89 5.85
C GLU A 256 -17.60 11.39 5.36
N MET A 257 -18.10 10.30 5.92
CA MET A 257 -19.40 9.85 5.44
C MET A 257 -20.52 10.84 5.79
N ALA A 258 -20.34 11.65 6.82
CA ALA A 258 -21.40 12.60 7.14
C ALA A 258 -21.46 13.70 6.10
N VAL A 259 -20.33 14.02 5.48
CA VAL A 259 -20.27 15.13 4.55
C VAL A 259 -20.02 14.69 3.12
N GLY A 260 -19.53 13.47 2.92
CA GLY A 260 -19.17 13.05 1.58
C GLY A 260 -17.84 13.58 1.10
N ARG A 261 -16.87 13.77 1.99
CA ARG A 261 -15.56 14.24 1.56
C ARG A 261 -14.55 13.81 2.62
N TYR A 262 -13.39 13.33 2.18
CA TYR A 262 -12.26 13.07 3.07
C TYR A 262 -11.79 14.38 3.68
N PRO A 263 -11.82 14.54 5.02
CA PRO A 263 -11.79 15.90 5.59
C PRO A 263 -10.43 16.52 5.82
N ILE A 264 -9.38 15.93 5.30
CA ILE A 264 -8.04 16.52 5.42
C ILE A 264 -7.59 16.95 4.04
N PRO A 265 -7.34 18.24 3.82
CA PRO A 265 -7.63 19.34 4.75
C PRO A 265 -9.12 19.72 4.77
N PRO A 266 -9.57 20.51 5.75
CA PRO A 266 -10.96 20.95 5.75
C PRO A 266 -11.27 21.72 4.48
N PRO A 267 -12.50 21.67 4.00
CA PRO A 267 -12.85 22.43 2.79
C PRO A 267 -12.83 23.93 3.04
N ASP A 268 -12.53 24.67 1.98
CA ASP A 268 -12.63 26.13 2.00
C ASP A 268 -14.09 26.54 2.22
N ALA A 269 -14.26 27.79 2.64
CA ALA A 269 -15.59 28.30 2.99
C ALA A 269 -16.54 28.27 1.79
N LYS A 270 -15.96 28.38 0.61
CA LYS A 270 -16.72 28.35 -0.64
C LYS A 270 -17.04 26.90 -0.99
N GLU A 271 -16.14 25.97 -0.62
CA GLU A 271 -16.40 24.56 -0.92
C GLU A 271 -17.22 23.88 0.15
N LEU A 272 -17.21 24.40 1.39
CA LEU A 272 -18.20 24.01 2.38
C LEU A 272 -19.61 24.42 1.94
N GLU A 273 -19.69 25.28 0.93
CA GLU A 273 -20.96 25.83 0.46
C GLU A 273 -21.98 24.75 0.07
N LEU A 274 -21.55 23.55 -0.32
CA LEU A 274 -22.33 22.65 -1.16
C LEU A 274 -23.12 21.59 -0.36
N MET A 275 -23.64 21.94 0.82
CA MET A 275 -24.42 20.93 1.55
C MET A 275 -25.94 21.07 1.33
N PRO A 308 -5.21 17.70 -5.33
CA PRO A 308 -5.19 17.69 -3.86
C PRO A 308 -3.77 17.66 -3.27
N MET A 309 -3.67 17.12 -2.05
CA MET A 309 -2.42 17.05 -1.31
C MET A 309 -1.78 15.68 -1.47
N ALA A 310 -0.46 15.69 -1.67
CA ALA A 310 0.29 14.47 -1.64
C ALA A 310 0.42 13.97 -0.20
N ILE A 311 0.61 12.65 -0.06
CA ILE A 311 0.32 12.02 1.23
C ILE A 311 1.20 12.57 2.36
N PHE A 312 2.42 13.03 2.05
CA PHE A 312 3.21 13.62 3.12
C PHE A 312 2.57 14.90 3.66
N GLU A 313 2.03 15.75 2.78
CA GLU A 313 1.35 16.94 3.24
C GLU A 313 0.15 16.59 4.12
N LEU A 314 -0.58 15.54 3.75
CA LEU A 314 -1.70 15.09 4.55
C LEU A 314 -1.26 14.69 5.94
N LEU A 315 -0.17 13.93 6.03
CA LEU A 315 0.29 13.46 7.33
C LEU A 315 0.80 14.61 8.18
N ASP A 316 1.58 15.52 7.59
CA ASP A 316 2.03 16.71 8.31
C ASP A 316 0.85 17.57 8.73
N TYR A 317 -0.24 17.57 7.94
CA TYR A 317 -1.43 18.29 8.35
C TYR A 317 -2.11 17.60 9.52
N ILE A 318 -2.17 16.26 9.50
CA ILE A 318 -2.79 15.57 10.62
C ILE A 318 -2.00 15.79 11.90
N VAL A 319 -0.69 15.89 11.78
CA VAL A 319 0.16 15.98 12.96
C VAL A 319 0.18 17.40 13.52
N ASN A 320 0.31 18.40 12.63
CA ASN A 320 0.61 19.77 13.01
C ASN A 320 -0.61 20.64 13.25
N GLU A 321 -1.71 20.38 12.59
CA GLU A 321 -2.84 21.30 12.61
C GLU A 321 -4.04 20.65 13.27
N PRO A 322 -5.03 21.43 13.71
CA PRO A 322 -6.07 20.89 14.57
C PRO A 322 -6.99 19.94 13.81
N PRO A 323 -7.74 19.12 14.53
CA PRO A 323 -8.48 18.04 13.87
C PRO A 323 -9.66 18.54 13.08
N PRO A 324 -10.19 17.71 12.18
CA PRO A 324 -11.43 18.06 11.48
C PRO A 324 -12.58 18.20 12.45
N LYS A 325 -13.65 18.81 11.95
CA LYS A 325 -14.83 19.14 12.73
C LYS A 325 -16.05 19.09 11.82
N LEU A 326 -17.17 18.68 12.40
CA LEU A 326 -18.46 18.72 11.71
C LEU A 326 -18.96 20.16 11.57
N PRO A 327 -19.81 20.43 10.57
CA PRO A 327 -20.37 21.78 10.43
C PRO A 327 -21.29 22.13 11.61
N SER A 328 -21.51 23.43 11.80
CA SER A 328 -22.20 23.96 12.96
C SER A 328 -23.62 23.42 13.18
N GLY A 329 -24.56 23.72 12.28
CA GLY A 329 -25.94 23.47 12.57
C GLY A 329 -26.54 22.25 11.90
N VAL A 330 -25.92 21.82 10.80
CA VAL A 330 -26.48 20.74 9.99
C VAL A 330 -26.49 19.41 10.73
N PHE A 331 -25.73 19.31 11.80
CA PHE A 331 -25.69 18.04 12.51
C PHE A 331 -26.09 18.25 13.97
N SER A 332 -26.60 17.16 14.55
CA SER A 332 -26.90 17.09 15.97
C SER A 332 -25.74 17.62 16.80
N LEU A 333 -26.08 18.30 17.90
CA LEU A 333 -25.07 18.67 18.89
C LEU A 333 -24.41 17.45 19.49
N GLU A 334 -25.19 16.41 19.81
CA GLU A 334 -24.62 15.20 20.38
C GLU A 334 -23.68 14.53 19.39
N PHE A 335 -24.05 14.54 18.11
CA PHE A 335 -23.20 13.92 17.11
C PHE A 335 -21.89 14.70 16.93
N GLN A 336 -21.97 16.03 16.94
CA GLN A 336 -20.75 16.83 16.86
C GLN A 336 -19.85 16.53 18.05
N ASP A 337 -20.44 16.40 19.24
CA ASP A 337 -19.63 16.10 20.42
C ASP A 337 -18.99 14.72 20.31
N PHE A 338 -19.76 13.73 19.87
CA PHE A 338 -19.23 12.39 19.70
C PHE A 338 -17.99 12.40 18.79
N VAL A 339 -18.11 12.96 17.58
CA VAL A 339 -16.95 12.95 16.71
C VAL A 339 -15.81 13.78 17.31
N ASN A 340 -16.13 14.87 18.02
CA ASN A 340 -15.05 15.71 18.54
C ASN A 340 -14.22 14.95 19.57
N LYS A 341 -14.90 14.25 20.48
CA LYS A 341 -14.23 13.39 21.45
C LYS A 341 -13.47 12.25 20.75
N CYS A 342 -13.97 11.78 19.61
CA CYS A 342 -13.23 10.77 18.86
C CYS A 342 -11.95 11.33 18.25
N LEU A 343 -11.90 12.64 18.02
CA LEU A 343 -10.85 13.19 17.16
C LEU A 343 -9.87 14.10 17.89
N ILE A 344 -9.77 14.01 19.21
CA ILE A 344 -8.85 14.91 19.88
C ILE A 344 -7.47 14.28 19.80
N LYS A 345 -6.46 15.12 19.53
CA LYS A 345 -5.15 14.64 19.08
C LYS A 345 -4.31 14.06 20.21
N ASN A 346 -4.67 14.30 21.46
CA ASN A 346 -3.99 13.66 22.56
C ASN A 346 -4.60 12.27 22.75
N PRO A 347 -3.83 11.19 22.60
CA PRO A 347 -4.43 9.85 22.71
C PRO A 347 -4.96 9.54 24.10
N ALA A 348 -4.50 10.25 25.13
CA ALA A 348 -4.94 9.92 26.48
C ALA A 348 -6.30 10.53 26.80
N GLU A 349 -6.50 11.79 26.45
CA GLU A 349 -7.80 12.37 26.75
C GLU A 349 -8.85 12.03 25.71
N ARG A 350 -8.46 11.44 24.58
CA ARG A 350 -9.46 10.98 23.62
C ARG A 350 -10.33 9.89 24.24
N ALA A 351 -11.57 9.84 23.78
CA ALA A 351 -12.56 8.93 24.32
C ALA A 351 -12.13 7.48 24.13
N ASP A 352 -12.65 6.65 25.00
CA ASP A 352 -12.39 5.22 25.06
C ASP A 352 -13.60 4.47 24.50
N LEU A 353 -13.48 3.16 24.34
CA LEU A 353 -14.63 2.37 23.90
C LEU A 353 -15.75 2.40 24.92
N LYS A 354 -15.42 2.33 26.21
CA LYS A 354 -16.47 2.27 27.22
C LYS A 354 -17.17 3.61 27.36
N GLN A 355 -16.46 4.72 27.13
CA GLN A 355 -17.08 6.04 27.16
C GLN A 355 -17.98 6.27 25.96
N LEU A 356 -17.46 6.05 24.75
CA LEU A 356 -18.29 6.18 23.56
C LEU A 356 -19.53 5.31 23.67
N MET A 357 -19.38 4.10 24.22
CA MET A 357 -20.50 3.15 24.34
C MET A 357 -21.70 3.75 25.07
N VAL A 358 -21.46 4.73 25.94
CA VAL A 358 -22.49 5.38 26.75
C VAL A 358 -22.60 6.85 26.43
N HIS A 359 -21.99 7.30 25.33
CA HIS A 359 -22.15 8.68 24.92
C HIS A 359 -23.61 8.95 24.56
N ALA A 360 -24.00 10.22 24.70
CA ALA A 360 -25.41 10.56 24.57
C ALA A 360 -25.90 10.39 23.13
N PHE A 361 -25.05 10.67 22.13
CA PHE A 361 -25.42 10.38 20.75
C PHE A 361 -25.61 8.89 20.54
N ILE A 362 -24.80 8.07 21.23
CA ILE A 362 -24.92 6.63 21.05
C ILE A 362 -26.24 6.11 21.63
N LYS A 363 -26.66 6.58 22.81
CA LYS A 363 -27.95 6.13 23.32
C LYS A 363 -29.10 6.73 22.53
N ARG A 364 -29.01 8.02 22.18
CA ARG A 364 -29.96 8.66 21.26
C ARG A 364 -30.16 7.81 20.03
N SER A 365 -29.08 7.23 19.49
CA SER A 365 -29.14 6.49 18.25
C SER A 365 -29.53 5.03 18.44
N ASP A 366 -29.21 4.47 19.61
CA ASP A 366 -29.62 3.10 19.88
C ASP A 366 -31.11 3.02 20.22
N ALA A 367 -31.67 4.07 20.80
CA ALA A 367 -33.11 4.10 20.99
C ALA A 367 -33.82 4.16 19.65
N GLU A 368 -33.22 4.80 18.66
CA GLU A 368 -33.90 5.04 17.39
C GLU A 368 -34.17 3.72 16.67
N GLU A 369 -35.24 3.72 15.88
CA GLU A 369 -35.63 2.54 15.11
C GLU A 369 -35.62 2.93 13.63
N VAL A 370 -34.53 2.57 12.93
CA VAL A 370 -34.31 2.95 11.52
C VAL A 370 -34.41 1.72 10.63
N ASP A 371 -34.76 1.95 9.37
CA ASP A 371 -34.80 0.90 8.35
C ASP A 371 -33.48 0.89 7.56
N PHE A 372 -32.41 0.45 8.23
CA PHE A 372 -31.09 0.51 7.58
C PHE A 372 -31.01 -0.39 6.35
N ALA A 373 -31.62 -1.57 6.40
CA ALA A 373 -31.61 -2.45 5.23
C ALA A 373 -32.33 -1.81 4.05
N GLY A 374 -33.50 -1.23 4.33
CA GLY A 374 -34.25 -0.56 3.28
C GLY A 374 -33.55 0.69 2.79
N TRP A 375 -32.91 1.43 3.69
CA TRP A 375 -32.18 2.61 3.26
C TRP A 375 -31.05 2.24 2.31
N LEU A 376 -30.25 1.22 2.69
CA LEU A 376 -29.19 0.73 1.84
C LEU A 376 -29.72 0.27 0.49
N CYS A 377 -30.79 -0.51 0.49
CA CYS A 377 -31.29 -0.96 -0.79
C CYS A 377 -31.75 0.21 -1.65
N SER A 378 -32.45 1.17 -1.05
CA SER A 378 -32.86 2.32 -1.84
C SER A 378 -31.65 3.04 -2.43
N THR A 379 -30.55 3.10 -1.67
CA THR A 379 -29.31 3.73 -2.14
C THR A 379 -28.60 2.94 -3.25
N ILE A 380 -28.91 1.64 -3.45
CA ILE A 380 -28.44 0.94 -4.65
C ILE A 380 -29.55 0.29 -5.48
N GLY A 381 -30.16 -0.76 -4.95
CA GLY A 381 -31.17 -1.49 -5.69
C GLY A 381 -32.46 -1.86 -5.00
N LEU A 382 -32.98 -3.04 -5.32
CA LEU A 382 -34.27 -3.49 -4.78
C LEU A 382 -34.37 -3.71 -3.29
N ASN A 383 -35.53 -3.32 -2.77
CA ASN A 383 -35.84 -3.39 -1.35
C ASN A 383 -35.90 -4.78 -0.74
N GLN A 384 -35.43 -4.88 0.50
CA GLN A 384 -35.44 -6.12 1.26
C GLN A 384 -35.21 -5.78 2.73
N GLU B 32 9.80 4.61 -33.79
CA GLU B 32 9.67 4.72 -32.34
C GLU B 32 8.40 4.07 -31.79
N ILE B 33 7.29 4.18 -32.52
CA ILE B 33 6.03 3.62 -32.09
C ILE B 33 5.49 2.46 -32.94
N PRO B 34 5.54 1.23 -32.40
CA PRO B 34 5.03 0.02 -33.03
C PRO B 34 3.50 0.00 -32.99
N ASP B 35 2.88 -0.76 -33.89
CA ASP B 35 1.43 -0.78 -34.00
C ASP B 35 0.73 -2.14 -34.13
N GLY B 36 0.66 -2.93 -33.06
CA GLY B 36 -0.02 -4.21 -33.11
C GLY B 36 0.82 -5.38 -33.62
N GLN B 37 2.06 -5.07 -33.93
CA GLN B 37 3.02 -6.04 -34.41
C GLN B 37 3.36 -7.06 -33.34
N ILE B 38 3.48 -6.55 -32.11
CA ILE B 38 3.86 -7.30 -30.93
C ILE B 38 2.99 -8.40 -30.40
N THR B 39 3.64 -9.47 -29.94
CA THR B 39 2.99 -10.55 -29.23
C THR B 39 3.21 -10.40 -27.73
N VAL B 40 2.21 -10.83 -26.94
CA VAL B 40 2.19 -10.74 -25.49
C VAL B 40 1.96 -12.13 -24.92
N GLY B 41 2.52 -12.40 -23.74
CA GLY B 41 2.48 -13.73 -23.17
C GLY B 41 2.07 -13.80 -21.71
N GLN B 42 2.80 -14.58 -20.91
CA GLN B 42 2.41 -14.80 -19.53
C GLN B 42 2.47 -13.51 -18.71
N ARG B 43 1.50 -13.35 -17.80
CA ARG B 43 1.55 -12.28 -16.82
C ARG B 43 2.67 -12.55 -15.83
N ILE B 44 3.56 -11.59 -15.65
CA ILE B 44 4.64 -11.74 -14.69
C ILE B 44 4.33 -11.04 -13.38
N GLY B 45 3.80 -9.83 -13.45
CA GLY B 45 3.47 -9.13 -12.24
C GLY B 45 3.39 -7.65 -12.52
N SER B 46 2.98 -6.91 -11.49
CA SER B 46 2.70 -5.50 -11.65
C SER B 46 3.47 -4.70 -10.62
N GLY B 47 3.91 -3.52 -11.01
CA GLY B 47 4.71 -2.73 -10.12
C GLY B 47 4.06 -1.41 -9.83
N SER B 48 4.87 -0.38 -9.76
CA SER B 48 4.39 0.92 -9.32
C SER B 48 3.76 1.75 -10.44
N PHE B 49 4.06 1.46 -11.72
CA PHE B 49 3.48 2.25 -12.81
C PHE B 49 3.07 1.43 -14.03
N GLY B 50 3.13 0.11 -13.99
CA GLY B 50 2.65 -0.69 -15.09
C GLY B 50 2.64 -2.16 -14.74
N THR B 51 2.03 -2.94 -15.62
CA THR B 51 2.02 -4.39 -15.53
C THR B 51 2.90 -4.97 -16.64
N VAL B 52 3.84 -5.83 -16.28
CA VAL B 52 4.76 -6.39 -17.28
C VAL B 52 4.36 -7.83 -17.56
N TYR B 53 4.45 -8.20 -18.83
CA TYR B 53 4.24 -9.56 -19.30
C TYR B 53 5.43 -9.95 -20.17
N LYS B 54 5.74 -11.24 -20.21
CA LYS B 54 6.71 -11.73 -21.17
C LYS B 54 6.13 -11.62 -22.58
N GLY B 55 6.85 -10.98 -23.49
CA GLY B 55 6.33 -10.78 -24.84
C GLY B 55 7.24 -11.19 -25.99
N LYS B 56 6.83 -10.83 -27.19
CA LYS B 56 7.58 -11.16 -28.39
C LYS B 56 7.67 -10.07 -29.46
N TRP B 57 8.52 -9.07 -29.24
CA TRP B 57 8.81 -8.05 -30.25
C TRP B 57 9.97 -8.51 -31.17
N HIS B 58 10.61 -9.58 -30.72
CA HIS B 58 11.69 -10.41 -31.26
C HIS B 58 11.97 -11.45 -30.18
N GLY B 59 13.17 -12.00 -30.10
CA GLY B 59 13.38 -13.01 -29.07
C GLY B 59 13.38 -12.46 -27.65
N ASP B 60 12.53 -13.03 -26.81
CA ASP B 60 12.41 -12.72 -25.39
C ASP B 60 12.22 -11.27 -24.89
N VAL B 61 11.38 -10.47 -25.52
CA VAL B 61 11.17 -9.09 -25.05
C VAL B 61 10.28 -9.06 -23.81
N ALA B 62 10.32 -7.96 -23.07
CA ALA B 62 9.49 -7.79 -21.88
C ALA B 62 8.65 -6.53 -22.02
N VAL B 63 7.34 -6.70 -22.07
CA VAL B 63 6.42 -5.63 -22.41
C VAL B 63 5.59 -5.28 -21.18
N LYS B 64 5.33 -3.98 -21.02
CA LYS B 64 4.83 -3.41 -19.77
C LYS B 64 3.70 -2.44 -20.08
N MET B 65 2.46 -2.83 -19.77
CA MET B 65 1.33 -1.96 -20.03
C MET B 65 1.19 -0.93 -18.92
N LEU B 66 1.25 0.34 -19.29
CA LEU B 66 1.37 1.41 -18.30
C LEU B 66 0.03 1.70 -17.63
N ASN B 67 0.10 2.11 -16.37
CA ASN B 67 -1.12 2.49 -15.66
C ASN B 67 -1.75 3.72 -16.30
N VAL B 68 -0.95 4.76 -16.51
CA VAL B 68 -1.38 5.87 -17.35
C VAL B 68 -1.76 5.32 -18.72
N THR B 69 -3.01 5.58 -19.13
CA THR B 69 -3.51 5.06 -20.39
C THR B 69 -4.27 6.07 -21.25
N ALA B 70 -4.84 7.12 -20.65
CA ALA B 70 -5.44 8.15 -21.47
C ALA B 70 -4.48 9.34 -21.57
N PRO B 71 -3.59 9.36 -22.56
CA PRO B 71 -2.59 10.41 -22.61
C PRO B 71 -3.11 11.67 -23.29
N THR B 72 -3.13 12.77 -22.54
CA THR B 72 -3.35 14.06 -23.17
C THR B 72 -2.25 14.29 -24.22
N PRO B 73 -2.56 14.95 -25.33
CA PRO B 73 -1.53 15.15 -26.36
C PRO B 73 -0.29 15.88 -25.84
N GLN B 74 -0.49 16.82 -24.92
CA GLN B 74 0.65 17.48 -24.26
C GLN B 74 1.50 16.48 -23.49
N GLN B 75 0.85 15.49 -22.86
CA GLN B 75 1.59 14.45 -22.15
C GLN B 75 2.26 13.49 -23.13
N LEU B 76 1.56 13.14 -24.22
CA LEU B 76 2.12 12.22 -25.20
C LEU B 76 3.37 12.81 -25.85
N GLN B 77 3.40 14.12 -26.12
CA GLN B 77 4.59 14.72 -26.72
C GLN B 77 5.82 14.53 -25.83
N ALA B 78 5.69 14.84 -24.55
CA ALA B 78 6.80 14.63 -23.63
C ALA B 78 7.19 13.16 -23.58
N PHE B 79 6.19 12.26 -23.69
CA PHE B 79 6.51 10.83 -23.70
C PHE B 79 7.33 10.45 -24.92
N LYS B 80 6.94 10.95 -26.10
CA LYS B 80 7.70 10.70 -27.33
C LYS B 80 9.14 11.10 -27.14
N ASN B 81 9.37 12.33 -26.65
CA ASN B 81 10.74 12.83 -26.56
C ASN B 81 11.54 12.11 -25.50
N GLU B 82 10.89 11.67 -24.41
CA GLU B 82 11.59 10.88 -23.41
C GLU B 82 11.99 9.52 -23.95
N VAL B 83 11.09 8.86 -24.71
CA VAL B 83 11.46 7.62 -25.38
C VAL B 83 12.60 7.85 -26.36
N GLY B 84 12.58 9.00 -27.02
CA GLY B 84 13.69 9.35 -27.89
C GLY B 84 15.00 9.37 -27.15
N VAL B 85 15.04 10.11 -26.04
CA VAL B 85 16.29 10.17 -25.27
C VAL B 85 16.66 8.79 -24.75
N LEU B 86 15.67 7.95 -24.51
CA LEU B 86 15.95 6.61 -23.98
C LEU B 86 16.42 5.55 -24.97
N ARG B 87 16.10 5.74 -26.24
CA ARG B 87 16.45 4.82 -27.32
C ARG B 87 17.96 4.70 -27.47
N LYS B 88 18.62 5.83 -27.34
CA LYS B 88 20.06 5.99 -27.46
C LYS B 88 20.90 5.39 -26.34
N THR B 89 20.36 5.30 -25.14
CA THR B 89 21.12 4.82 -23.99
C THR B 89 21.54 3.36 -24.18
N ARG B 90 22.83 3.14 -24.37
CA ARG B 90 23.40 1.78 -24.39
C ARG B 90 24.61 1.74 -23.45
N HIS B 91 24.62 0.79 -22.52
CA HIS B 91 25.65 0.55 -21.51
C HIS B 91 25.44 -0.84 -20.90
N VAL B 92 26.54 -1.56 -20.64
CA VAL B 92 26.46 -2.97 -20.30
C VAL B 92 25.73 -3.20 -18.96
N ASN B 93 25.68 -2.21 -18.06
CA ASN B 93 24.95 -2.35 -16.81
C ASN B 93 23.55 -1.77 -16.90
N ILE B 94 23.08 -1.53 -18.11
CA ILE B 94 21.79 -0.91 -18.37
C ILE B 94 21.02 -1.83 -19.30
N LEU B 95 19.75 -2.05 -18.99
CA LEU B 95 18.84 -2.72 -19.93
C LEU B 95 18.36 -1.70 -20.98
N LEU B 96 18.63 -2.01 -22.24
CA LEU B 96 18.24 -1.21 -23.38
C LEU B 96 16.72 -1.15 -23.50
N PHE B 97 16.21 0.01 -23.89
CA PHE B 97 14.79 0.28 -24.04
C PHE B 97 14.52 0.28 -25.52
N MET B 98 13.54 -0.48 -25.99
CA MET B 98 13.46 -0.68 -27.43
C MET B 98 12.41 0.20 -28.12
N GLY B 99 11.25 0.45 -27.52
CA GLY B 99 10.23 1.28 -28.16
C GLY B 99 8.95 1.28 -27.35
N TYR B 100 7.94 1.96 -27.90
CA TYR B 100 6.64 2.05 -27.24
C TYR B 100 5.52 1.81 -28.24
N SER B 101 4.50 1.07 -27.82
CA SER B 101 3.33 0.82 -28.65
C SER B 101 2.13 1.47 -28.01
N THR B 102 1.41 2.28 -28.79
CA THR B 102 0.24 2.97 -28.29
C THR B 102 -1.07 2.32 -28.72
N LYS B 103 -1.05 1.56 -29.80
CA LYS B 103 -2.33 1.31 -30.46
C LYS B 103 -3.11 0.24 -29.71
N PRO B 104 -2.52 -0.93 -29.34
CA PRO B 104 -3.31 -1.85 -28.52
C PRO B 104 -3.67 -1.16 -27.21
N GLN B 105 -2.63 -0.80 -26.47
CA GLN B 105 -2.64 -0.02 -25.23
C GLN B 105 -1.27 0.61 -25.12
N LEU B 106 -1.19 1.76 -24.44
CA LEU B 106 0.10 2.42 -24.28
C LEU B 106 1.04 1.53 -23.47
N ALA B 107 2.09 1.04 -24.11
CA ALA B 107 3.01 0.09 -23.53
C ALA B 107 4.44 0.50 -23.85
N ILE B 108 5.39 -0.04 -23.09
CA ILE B 108 6.82 0.10 -23.36
C ILE B 108 7.41 -1.31 -23.43
N VAL B 109 8.51 -1.43 -24.16
CA VAL B 109 9.07 -2.71 -24.53
C VAL B 109 10.58 -2.66 -24.29
N THR B 110 11.12 -3.66 -23.60
CA THR B 110 12.48 -3.70 -23.10
C THR B 110 12.95 -5.15 -23.11
N GLN B 111 14.26 -5.40 -22.96
CA GLN B 111 14.70 -6.78 -23.07
C GLN B 111 14.32 -7.60 -21.84
N TRP B 112 13.93 -8.84 -22.10
CA TRP B 112 13.74 -9.79 -21.02
C TRP B 112 15.07 -10.03 -20.30
N CYS B 113 14.97 -10.48 -19.05
CA CYS B 113 16.15 -10.69 -18.22
C CYS B 113 16.00 -12.03 -17.53
N GLU B 114 16.82 -13.01 -17.95
CA GLU B 114 16.69 -14.36 -17.38
C GLU B 114 16.95 -14.38 -15.89
N GLY B 115 17.78 -13.45 -15.38
CA GLY B 115 18.13 -13.49 -13.98
C GLY B 115 17.03 -12.96 -13.02
N SER B 116 17.24 -13.22 -11.74
CA SER B 116 16.36 -12.73 -10.70
C SER B 116 16.81 -11.36 -10.26
N SER B 117 15.85 -10.53 -9.86
CA SER B 117 16.27 -9.21 -9.41
C SER B 117 17.00 -9.29 -8.08
N LEU B 118 17.66 -8.19 -7.75
CA LEU B 118 18.46 -8.12 -6.54
C LEU B 118 17.59 -8.14 -5.30
N TYR B 119 16.38 -7.59 -5.38
CA TYR B 119 15.42 -7.70 -4.30
C TYR B 119 15.06 -9.17 -4.07
N HIS B 120 14.95 -9.96 -5.13
CA HIS B 120 14.60 -11.37 -4.98
C HIS B 120 15.74 -12.14 -4.33
N HIS B 121 16.97 -11.97 -4.84
CA HIS B 121 18.15 -12.58 -4.25
C HIS B 121 18.29 -12.21 -2.77
N LEU B 122 18.10 -10.94 -2.41
CA LEU B 122 18.40 -10.59 -1.02
C LEU B 122 17.28 -10.97 -0.08
N HIS B 123 16.05 -10.84 -0.54
CA HIS B 123 14.91 -10.74 0.35
C HIS B 123 13.89 -11.84 0.18
N ILE B 124 13.97 -12.65 -0.87
CA ILE B 124 13.10 -13.81 -1.02
C ILE B 124 13.88 -15.11 -0.90
N ILE B 125 14.83 -15.34 -1.79
CA ILE B 125 15.56 -16.59 -1.67
C ILE B 125 16.77 -16.51 -0.75
N GLU B 126 17.15 -15.30 -0.32
CA GLU B 126 18.27 -15.06 0.59
C GLU B 126 19.57 -15.73 0.10
N THR B 127 20.00 -15.31 -1.09
CA THR B 127 21.28 -15.74 -1.62
C THR B 127 22.42 -15.26 -0.74
N LYS B 128 23.24 -16.19 -0.24
CA LYS B 128 24.41 -15.83 0.55
C LYS B 128 25.56 -15.52 -0.40
N PHE B 129 25.95 -14.25 -0.47
CA PHE B 129 27.14 -13.80 -1.19
C PHE B 129 28.25 -13.43 -0.20
N GLU B 130 29.48 -13.43 -0.69
CA GLU B 130 30.60 -12.94 0.10
C GLU B 130 30.87 -11.49 -0.25
N MET B 131 31.67 -10.85 0.59
CA MET B 131 31.78 -9.40 0.53
C MET B 131 32.30 -8.90 -0.82
N ILE B 132 33.20 -9.64 -1.47
CA ILE B 132 33.72 -9.16 -2.75
C ILE B 132 32.62 -9.08 -3.80
N LYS B 133 31.74 -10.10 -3.88
CA LYS B 133 30.65 -9.99 -4.84
C LYS B 133 29.63 -8.91 -4.46
N LEU B 134 29.41 -8.67 -3.16
CA LEU B 134 28.49 -7.59 -2.80
C LEU B 134 29.05 -6.24 -3.20
N ILE B 135 30.35 -6.06 -3.01
CA ILE B 135 31.02 -4.85 -3.42
C ILE B 135 30.93 -4.71 -4.93
N ASP B 136 31.09 -5.82 -5.63
CA ASP B 136 31.05 -5.86 -7.08
C ASP B 136 29.70 -5.38 -7.58
N ILE B 137 28.63 -5.93 -7.03
CA ILE B 137 27.28 -5.53 -7.39
C ILE B 137 27.11 -4.02 -7.18
N ALA B 138 27.56 -3.52 -6.03
CA ALA B 138 27.61 -2.08 -5.80
C ALA B 138 28.37 -1.36 -6.90
N ARG B 139 29.53 -1.87 -7.30
CA ARG B 139 30.33 -1.22 -8.31
C ARG B 139 29.58 -1.13 -9.63
N GLN B 140 29.05 -2.26 -10.12
CA GLN B 140 28.41 -2.24 -11.43
C GLN B 140 27.18 -1.35 -11.41
N THR B 141 26.39 -1.41 -10.33
CA THR B 141 25.29 -0.48 -10.19
C THR B 141 25.77 0.95 -10.31
N ALA B 142 26.87 1.28 -9.61
CA ALA B 142 27.41 2.64 -9.73
C ALA B 142 27.86 2.96 -11.16
N GLN B 143 28.43 1.99 -11.88
CA GLN B 143 28.81 2.21 -13.28
C GLN B 143 27.61 2.59 -14.13
N GLY B 144 26.51 1.85 -13.97
CA GLY B 144 25.30 2.14 -14.73
C GLY B 144 24.71 3.49 -14.34
N MET B 145 24.72 3.80 -13.05
CA MET B 145 24.18 5.09 -12.65
C MET B 145 25.04 6.22 -13.15
N ASP B 146 26.35 6.01 -13.19
CA ASP B 146 27.23 7.06 -13.66
C ASP B 146 27.06 7.25 -15.15
N TYR B 147 26.87 6.17 -15.90
CA TYR B 147 26.53 6.33 -17.31
C TYR B 147 25.23 7.11 -17.46
N LEU B 148 24.21 6.80 -16.65
CA LEU B 148 22.93 7.49 -16.78
C LEU B 148 23.04 8.97 -16.44
N HIS B 149 23.81 9.33 -15.41
CA HIS B 149 23.96 10.73 -15.06
C HIS B 149 24.90 11.44 -16.03
N ALA B 150 25.83 10.69 -16.65
CA ALA B 150 26.68 11.25 -17.67
C ALA B 150 25.85 11.72 -18.85
N LYS B 151 24.80 10.97 -19.19
CA LYS B 151 23.89 11.35 -20.24
C LYS B 151 22.70 12.17 -19.74
N SER B 152 22.74 12.63 -18.48
CA SER B 152 21.75 13.52 -17.90
C SER B 152 20.37 12.85 -17.83
N ILE B 153 20.37 11.60 -17.37
CA ILE B 153 19.15 10.86 -17.12
C ILE B 153 19.06 10.55 -15.64
N ILE B 154 18.03 11.08 -14.99
CA ILE B 154 17.71 10.73 -13.62
C ILE B 154 16.95 9.42 -13.63
N HIS B 155 17.44 8.44 -12.88
CA HIS B 155 16.73 7.18 -12.86
C HIS B 155 15.30 7.36 -12.38
N ARG B 156 15.13 7.98 -11.23
CA ARG B 156 13.87 8.35 -10.60
C ARG B 156 13.16 7.15 -9.95
N ASP B 157 13.59 5.91 -10.18
CA ASP B 157 12.92 4.76 -9.58
C ASP B 157 13.93 3.69 -9.14
N LEU B 158 15.12 4.09 -8.68
CA LEU B 158 16.16 3.15 -8.28
C LEU B 158 15.75 2.39 -7.02
N LYS B 159 15.63 1.08 -7.16
CA LYS B 159 15.25 0.11 -6.14
C LYS B 159 16.07 -1.14 -6.44
N SER B 160 16.21 -2.02 -5.46
CA SER B 160 16.80 -3.32 -5.79
C SER B 160 15.87 -4.17 -6.63
N ASN B 161 14.58 -3.83 -6.67
CA ASN B 161 13.61 -4.48 -7.54
C ASN B 161 13.97 -4.30 -8.99
N ASN B 162 14.63 -3.18 -9.29
CA ASN B 162 15.02 -2.77 -10.65
C ASN B 162 16.47 -2.98 -11.01
N ILE B 163 17.14 -3.84 -10.27
CA ILE B 163 18.51 -4.22 -10.55
C ILE B 163 18.45 -5.73 -10.72
N PHE B 164 18.74 -6.23 -11.92
CA PHE B 164 18.76 -7.66 -12.14
C PHE B 164 20.19 -8.19 -12.16
N LEU B 165 20.34 -9.45 -11.76
CA LEU B 165 21.64 -10.11 -11.79
C LEU B 165 21.60 -11.11 -12.92
N HIS B 166 22.19 -10.72 -14.04
CA HIS B 166 22.08 -11.44 -15.28
C HIS B 166 23.00 -12.64 -15.21
N GLU B 167 22.45 -13.85 -15.37
CA GLU B 167 23.21 -15.10 -15.26
C GLU B 167 24.05 -15.11 -13.98
N ASP B 168 23.55 -14.41 -12.96
CA ASP B 168 24.18 -14.22 -11.65
C ASP B 168 25.54 -13.48 -11.73
N LEU B 169 25.91 -12.95 -12.90
CA LEU B 169 27.21 -12.29 -13.06
C LEU B 169 27.08 -10.79 -13.31
N THR B 170 26.44 -10.36 -14.41
CA THR B 170 26.37 -8.94 -14.71
C THR B 170 25.19 -8.31 -14.01
N VAL B 171 25.26 -6.99 -13.88
CA VAL B 171 24.19 -6.17 -13.32
C VAL B 171 23.55 -5.40 -14.46
N LYS B 172 22.22 -5.43 -14.53
CA LYS B 172 21.45 -4.66 -15.49
C LYS B 172 20.47 -3.81 -14.68
N ILE B 173 20.55 -2.49 -14.84
CA ILE B 173 19.58 -1.56 -14.24
C ILE B 173 18.44 -1.34 -15.24
N GLY B 174 17.21 -1.37 -14.73
CA GLY B 174 16.05 -1.12 -15.56
C GLY B 174 15.17 -0.05 -14.96
N ASP B 175 14.01 0.14 -15.59
CA ASP B 175 12.99 1.09 -15.16
C ASP B 175 13.49 2.48 -14.80
N PHE B 176 14.23 3.09 -15.71
CA PHE B 176 14.80 4.41 -15.53
C PHE B 176 14.16 5.39 -16.51
N GLY B 177 14.14 6.67 -16.12
CA GLY B 177 13.50 7.67 -16.97
C GLY B 177 11.99 7.53 -16.94
N LEU B 178 11.35 7.97 -18.02
CA LEU B 178 9.90 7.89 -18.15
C LEU B 178 9.22 8.67 -17.02
N ALA B 179 9.59 9.95 -16.89
CA ALA B 179 9.02 10.79 -15.84
C ALA B 179 7.53 11.04 -16.07
N THR B 180 7.11 11.03 -17.34
CA THR B 180 5.74 11.41 -17.68
C THR B 180 4.74 10.33 -17.28
N VAL B 181 5.15 9.06 -17.37
CA VAL B 181 4.25 7.96 -17.05
C VAL B 181 3.96 7.90 -15.56
N LYS B 182 4.87 8.41 -14.75
CA LYS B 182 4.66 8.38 -13.32
C LYS B 182 3.96 9.68 -12.91
N SER B 183 2.69 9.78 -13.33
CA SER B 183 1.84 10.91 -12.92
C SER B 183 0.36 10.65 -13.24
N GLU B 192 1.95 15.58 -8.41
CA GLU B 192 2.32 14.16 -8.52
C GLU B 192 2.03 13.32 -7.28
N GLN B 193 1.64 12.07 -7.50
CA GLN B 193 1.38 11.12 -6.44
C GLN B 193 2.51 10.11 -6.33
N LEU B 194 2.82 9.70 -5.12
CA LEU B 194 3.75 8.60 -4.94
C LEU B 194 3.07 7.29 -5.24
N SER B 195 3.83 6.36 -5.79
CA SER B 195 3.33 5.00 -5.86
C SER B 195 4.49 4.02 -5.69
N GLY B 196 4.13 2.79 -5.36
CA GLY B 196 5.12 1.75 -5.19
C GLY B 196 5.59 1.71 -3.77
N SER B 197 6.87 1.48 -3.53
CA SER B 197 7.41 1.40 -2.19
C SER B 197 8.12 2.71 -1.86
N ILE B 198 7.92 3.17 -0.62
CA ILE B 198 8.58 4.39 -0.14
C ILE B 198 10.08 4.20 0.08
N LEU B 199 10.53 2.95 0.28
CA LEU B 199 11.74 2.73 1.06
C LEU B 199 12.97 3.41 0.47
N TRP B 200 13.04 3.52 -0.85
CA TRP B 200 14.20 4.11 -1.51
C TRP B 200 14.06 5.61 -1.80
N MET B 201 13.00 6.28 -1.36
CA MET B 201 12.80 7.70 -1.68
C MET B 201 13.45 8.60 -0.63
N ALA B 202 14.15 9.62 -1.11
CA ALA B 202 14.79 10.60 -0.24
C ALA B 202 13.75 11.50 0.42
N PRO B 203 14.11 12.11 1.55
CA PRO B 203 13.19 13.05 2.23
C PRO B 203 12.49 14.05 1.33
N GLU B 204 13.26 14.72 0.47
CA GLU B 204 12.65 15.71 -0.42
C GLU B 204 11.76 15.06 -1.45
N VAL B 205 12.04 13.80 -1.84
CA VAL B 205 11.11 13.13 -2.74
C VAL B 205 9.80 12.83 -2.01
N ILE B 206 9.88 12.52 -0.72
CA ILE B 206 8.69 12.15 0.01
C ILE B 206 7.84 13.37 0.30
N ARG B 207 8.50 14.50 0.50
CA ARG B 207 7.74 15.69 0.81
C ARG B 207 6.94 16.17 -0.40
N MET B 208 7.54 16.12 -1.61
CA MET B 208 6.88 16.57 -2.84
C MET B 208 6.57 18.06 -2.74
N GLN B 209 7.51 18.82 -2.21
CA GLN B 209 7.31 20.26 -2.00
C GLN B 209 8.13 21.13 -2.95
N ASP B 210 9.19 20.61 -3.55
CA ASP B 210 9.97 21.37 -4.52
C ASP B 210 9.26 21.38 -5.86
N LYS B 211 9.82 22.08 -6.87
CA LYS B 211 9.22 22.10 -8.23
C LYS B 211 9.15 20.66 -8.71
N ASN B 212 10.33 20.08 -8.87
CA ASN B 212 10.50 18.65 -9.09
C ASN B 212 11.48 18.20 -8.02
N PRO B 213 11.14 17.22 -7.18
CA PRO B 213 12.09 16.77 -6.15
C PRO B 213 13.14 15.79 -6.66
N TYR B 214 12.93 15.17 -7.82
CA TYR B 214 13.86 14.15 -8.31
C TYR B 214 15.06 14.80 -8.96
N SER B 215 16.25 14.39 -8.51
CA SER B 215 17.49 14.94 -9.02
C SER B 215 18.54 13.82 -9.00
N PHE B 216 19.73 14.14 -9.49
CA PHE B 216 20.82 13.17 -9.38
C PHE B 216 20.97 12.71 -7.94
N GLN B 217 20.85 13.63 -6.99
CA GLN B 217 21.10 13.29 -5.59
C GLN B 217 19.99 12.43 -5.00
N SER B 218 18.77 12.52 -5.55
CA SER B 218 17.71 11.57 -5.23
C SER B 218 18.09 10.17 -5.64
N ASP B 219 18.68 10.02 -6.81
CA ASP B 219 19.19 8.73 -7.22
C ASP B 219 20.31 8.28 -6.28
N VAL B 220 21.17 9.21 -5.89
CA VAL B 220 22.28 8.85 -5.02
C VAL B 220 21.74 8.33 -3.69
N TYR B 221 20.64 8.94 -3.21
CA TYR B 221 20.00 8.47 -1.97
C TYR B 221 19.46 7.07 -2.16
N ALA B 222 18.71 6.85 -3.24
CA ALA B 222 18.19 5.52 -3.50
C ALA B 222 19.31 4.50 -3.54
N PHE B 223 20.43 4.86 -4.17
CA PHE B 223 21.57 3.96 -4.27
C PHE B 223 22.15 3.65 -2.90
N GLY B 224 22.14 4.63 -2.00
CA GLY B 224 22.58 4.37 -0.64
C GLY B 224 21.68 3.38 0.08
N ILE B 225 20.37 3.47 -0.14
CA ILE B 225 19.48 2.44 0.41
C ILE B 225 19.82 1.07 -0.18
N VAL B 226 20.24 1.05 -1.44
CA VAL B 226 20.62 -0.23 -2.03
C VAL B 226 21.92 -0.75 -1.40
N LEU B 227 22.84 0.15 -1.05
CA LEU B 227 24.03 -0.23 -0.29
C LEU B 227 23.67 -0.75 1.09
N TYR B 228 22.72 -0.07 1.74
CA TYR B 228 22.18 -0.57 3.00
C TYR B 228 21.68 -2.00 2.83
N GLU B 229 20.93 -2.24 1.76
CA GLU B 229 20.43 -3.57 1.45
C GLU B 229 21.55 -4.58 1.32
N LEU B 230 22.60 -4.22 0.58
CA LEU B 230 23.71 -5.14 0.32
C LEU B 230 24.47 -5.45 1.60
N MET B 231 24.62 -4.49 2.48
CA MET B 231 25.48 -4.62 3.63
C MET B 231 24.77 -5.08 4.89
N THR B 232 23.46 -5.12 4.91
CA THR B 232 22.73 -5.68 6.04
C THR B 232 21.94 -6.93 5.67
N GLY B 233 21.72 -7.17 4.37
CA GLY B 233 20.84 -8.25 3.93
C GLY B 233 19.40 -8.01 4.29
N GLN B 234 19.02 -6.75 4.47
CA GLN B 234 17.83 -6.39 5.19
C GLN B 234 17.27 -5.11 4.58
N LEU B 235 15.90 -4.97 4.57
CA LEU B 235 15.35 -3.68 4.14
C LEU B 235 15.43 -2.68 5.31
N PRO B 236 15.44 -1.39 5.02
CA PRO B 236 15.41 -0.41 6.12
C PRO B 236 14.09 -0.45 6.87
N TYR B 237 14.17 -0.06 8.14
CA TYR B 237 12.98 0.10 8.97
C TYR B 237 12.31 -1.24 9.23
N SER B 238 13.14 -2.28 9.34
CA SER B 238 12.64 -3.62 9.66
C SER B 238 11.89 -3.63 10.97
N ASN B 239 12.18 -2.65 11.85
CA ASN B 239 11.59 -2.49 13.17
C ASN B 239 10.26 -1.71 13.16
N ILE B 240 9.83 -1.16 12.02
CA ILE B 240 8.64 -0.33 11.94
C ILE B 240 7.72 -0.92 10.88
N ASN B 241 6.49 -1.24 11.25
CA ASN B 241 5.56 -1.86 10.31
C ASN B 241 4.39 -0.97 9.97
N ASN B 242 4.50 0.34 10.28
CA ASN B 242 3.49 1.37 10.03
C ASN B 242 3.97 2.21 8.86
N ARG B 243 3.39 1.99 7.68
CA ARG B 243 3.93 2.63 6.49
C ARG B 243 3.84 4.16 6.56
N ASP B 244 2.70 4.69 7.02
CA ASP B 244 2.52 6.14 7.10
C ASP B 244 3.48 6.77 8.09
N GLN B 245 3.77 6.10 9.20
CA GLN B 245 4.84 6.52 10.10
C GLN B 245 6.16 6.70 9.37
N ILE B 246 6.56 5.71 8.58
CA ILE B 246 7.82 5.82 7.84
C ILE B 246 7.79 7.05 6.94
N ILE B 247 6.73 7.18 6.14
CA ILE B 247 6.61 8.33 5.23
C ILE B 247 6.76 9.64 6.00
N PHE B 248 5.98 9.82 7.07
CA PHE B 248 6.01 11.07 7.80
C PHE B 248 7.37 11.34 8.43
N MET B 249 7.97 10.33 9.06
CA MET B 249 9.19 10.55 9.82
C MET B 249 10.42 10.69 8.94
N VAL B 250 10.54 9.93 7.84
CA VAL B 250 11.68 10.25 6.99
C VAL B 250 11.39 11.52 6.19
N GLY B 251 10.12 11.83 5.96
CA GLY B 251 9.80 13.12 5.37
C GLY B 251 10.37 14.28 6.16
N ARG B 252 10.06 14.35 7.46
CA ARG B 252 10.54 15.44 8.29
C ARG B 252 11.92 15.18 8.89
N GLY B 253 12.73 14.33 8.26
CA GLY B 253 14.08 14.08 8.72
C GLY B 253 14.17 13.51 10.12
N TYR B 254 13.11 12.90 10.63
CA TYR B 254 13.16 12.34 11.98
C TYR B 254 13.62 10.90 12.02
N LEU B 255 13.65 10.22 10.88
CA LEU B 255 13.97 8.81 10.82
C LEU B 255 14.81 8.55 9.59
N SER B 256 15.84 7.72 9.76
CA SER B 256 16.74 7.28 8.71
C SER B 256 17.16 5.85 9.00
N PRO B 257 17.77 5.15 8.04
CA PRO B 257 18.18 3.76 8.25
C PRO B 257 19.07 3.62 9.48
N ASP B 258 18.98 2.44 10.12
CA ASP B 258 19.77 2.12 11.29
C ASP B 258 21.06 1.44 10.84
N LEU B 259 22.14 2.21 10.84
CA LEU B 259 23.39 1.72 10.25
C LEU B 259 24.12 0.76 11.17
N SER B 260 23.70 0.60 12.42
CA SER B 260 24.34 -0.39 13.27
C SER B 260 24.09 -1.80 12.75
N LYS B 261 23.07 -2.01 11.94
CA LYS B 261 22.72 -3.36 11.51
C LYS B 261 23.50 -3.78 10.28
N VAL B 262 24.53 -3.02 9.88
CA VAL B 262 25.45 -3.46 8.83
C VAL B 262 26.37 -4.55 9.38
N ARG B 263 26.58 -5.57 8.55
CA ARG B 263 27.19 -6.83 8.99
C ARG B 263 28.68 -6.61 9.27
N SER B 264 29.26 -7.51 10.06
CA SER B 264 30.53 -7.19 10.72
C SER B 264 31.71 -7.13 9.75
N ASN B 265 31.63 -7.82 8.59
CA ASN B 265 32.68 -7.77 7.57
C ASN B 265 32.44 -6.69 6.53
N CYS B 266 31.75 -5.61 6.90
CA CYS B 266 31.53 -4.51 5.98
C CYS B 266 32.68 -3.51 6.07
N PRO B 267 33.39 -3.24 4.98
CA PRO B 267 34.52 -2.31 5.05
C PRO B 267 34.11 -0.96 5.61
N LYS B 268 34.97 -0.38 6.43
CA LYS B 268 34.71 0.94 6.99
C LYS B 268 34.43 1.96 5.88
N ALA B 269 35.21 1.91 4.80
CA ALA B 269 35.04 2.89 3.72
C ALA B 269 33.67 2.75 3.10
N MET B 270 33.21 1.52 2.95
CA MET B 270 31.86 1.27 2.43
C MET B 270 30.78 1.84 3.36
N LYS B 271 30.93 1.69 4.68
CA LYS B 271 29.94 2.24 5.57
C LYS B 271 29.93 3.77 5.52
N ARG B 272 31.11 4.40 5.47
CA ARG B 272 31.15 5.86 5.35
C ARG B 272 30.47 6.31 4.07
N LEU B 273 30.76 5.63 2.94
CA LEU B 273 30.11 5.97 1.68
C LEU B 273 28.60 5.83 1.78
N MET B 274 28.14 4.76 2.41
CA MET B 274 26.72 4.60 2.61
C MET B 274 26.14 5.82 3.31
N ALA B 275 26.74 6.21 4.43
CA ALA B 275 26.23 7.34 5.20
C ALA B 275 26.22 8.64 4.39
N GLU B 276 27.20 8.79 3.49
CA GLU B 276 27.27 9.99 2.66
C GLU B 276 26.15 10.01 1.61
N CYS B 277 25.84 8.84 1.04
CA CYS B 277 24.74 8.74 0.10
C CYS B 277 23.38 9.03 0.73
N LEU B 278 23.24 8.87 2.05
CA LEU B 278 21.94 8.91 2.72
C LEU B 278 21.71 10.20 3.49
N LYS B 279 22.52 11.23 3.26
CA LYS B 279 22.30 12.48 3.95
C LYS B 279 20.91 13.01 3.64
N LYS B 280 20.19 13.41 4.68
CA LYS B 280 18.84 13.94 4.52
C LYS B 280 18.82 15.12 3.57
N LYS B 281 19.72 16.07 3.76
CA LYS B 281 19.81 17.21 2.86
C LYS B 281 20.50 16.79 1.57
N ARG B 282 19.82 17.00 0.44
CA ARG B 282 20.28 16.48 -0.84
C ARG B 282 21.62 17.10 -1.25
N ASP B 283 21.85 18.38 -0.94
CA ASP B 283 23.08 19.00 -1.43
C ASP B 283 24.32 18.40 -0.80
N GLU B 284 24.18 17.68 0.31
CA GLU B 284 25.31 17.07 0.97
C GLU B 284 25.71 15.72 0.39
N ARG B 285 24.88 15.11 -0.44
CA ARG B 285 25.22 13.79 -0.95
C ARG B 285 26.21 13.90 -2.10
N PRO B 286 26.97 12.85 -2.36
CA PRO B 286 27.94 12.87 -3.46
C PRO B 286 27.32 12.48 -4.79
N LEU B 287 28.08 12.76 -5.84
CA LEU B 287 27.64 12.38 -7.18
C LEU B 287 28.36 11.11 -7.61
N PHE B 288 27.76 10.41 -8.58
CA PHE B 288 28.25 9.08 -8.89
C PHE B 288 29.71 9.03 -9.35
N PRO B 289 30.27 10.02 -10.06
CA PRO B 289 31.71 9.92 -10.38
C PRO B 289 32.60 9.68 -9.17
N GLN B 290 32.39 10.43 -8.08
CA GLN B 290 33.18 10.14 -6.88
C GLN B 290 32.70 8.89 -6.14
N ILE B 291 31.42 8.49 -6.29
CA ILE B 291 30.97 7.21 -5.72
C ILE B 291 31.70 6.03 -6.37
N LEU B 292 31.80 6.06 -7.69
CA LEU B 292 32.51 5.02 -8.41
C LEU B 292 33.96 4.97 -7.98
N ALA B 293 34.62 6.15 -8.00
CA ALA B 293 35.98 6.23 -7.50
C ALA B 293 36.09 5.55 -6.14
N SER B 294 35.33 6.07 -5.17
CA SER B 294 35.29 5.52 -3.82
C SER B 294 35.19 4.00 -3.83
N ILE B 295 34.24 3.44 -4.57
CA ILE B 295 34.02 2.01 -4.49
C ILE B 295 35.19 1.24 -5.08
N GLU B 296 35.76 1.71 -6.18
CA GLU B 296 36.85 0.99 -6.80
C GLU B 296 38.10 1.02 -5.93
N LEU B 297 38.51 2.21 -5.48
CA LEU B 297 39.64 2.32 -4.56
C LEU B 297 39.42 1.50 -3.30
N LEU B 298 38.17 1.40 -2.85
CA LEU B 298 37.85 0.47 -1.77
C LEU B 298 38.15 -0.97 -2.16
N ALA B 299 37.60 -1.39 -3.32
CA ALA B 299 37.68 -2.79 -3.74
C ALA B 299 39.11 -3.26 -3.99
N ARG B 300 40.01 -2.33 -4.33
CA ARG B 300 41.41 -2.69 -4.45
C ARG B 300 41.95 -3.24 -3.14
N SER B 301 41.87 -2.45 -2.08
CA SER B 301 42.43 -2.85 -0.79
C SER B 301 41.47 -3.80 -0.08
N LEU B 302 41.38 -5.03 -0.60
CA LEU B 302 40.66 -6.11 0.03
C LEU B 302 41.63 -7.28 0.30
N PRO B 303 41.35 -8.14 1.32
CA PRO B 303 42.21 -9.27 1.73
C PRO B 303 42.82 -10.09 0.58
PG ACP C . -6.86 -0.51 0.72
O1G ACP C . -6.05 0.79 0.76
O2G ACP C . -6.18 -1.63 -0.15
O3G ACP C . -6.92 -1.02 2.14
PB ACP C . -9.75 -1.35 0.13
O1B ACP C . -10.94 -0.88 -0.66
O2B ACP C . -10.04 -1.88 1.52
C3B ACP C . -8.47 -0.05 0.00
PA ACP C . -9.68 -4.18 -0.36
O1A ACP C . -9.82 -4.38 1.09
O2A ACP C . -8.61 -4.97 -0.99
O3A ACP C . -9.22 -2.65 -0.71
O5' ACP C . -11.14 -4.49 -1.13
C5' ACP C . -11.52 -3.74 -2.25
C4' ACP C . -13.05 -3.85 -2.38
O4' ACP C . -13.36 -5.11 -2.36
C3' ACP C . -13.77 -3.27 -1.12
O3' ACP C . -14.09 -1.96 -1.28
C2' ACP C . -15.04 -4.08 -1.07
O2' ACP C . -16.05 -3.28 -1.84
C1' ACP C . -14.83 -5.22 -1.70
N9 ACP C . -14.86 -6.28 -0.72
C8 ACP C . -13.89 -6.65 0.14
N7 ACP C . -14.34 -7.65 0.94
C5 ACP C . -15.59 -7.90 0.58
C6 ACP C . -16.52 -8.79 1.07
N6 ACP C . -16.53 -9.87 2.16
N1 ACP C . -17.75 -8.82 0.53
C2 ACP C . -18.09 -7.98 -0.48
N3 ACP C . -17.19 -7.07 -0.97
C4 ACP C . -15.94 -7.03 -0.44
MG MG D . -10.14 -3.50 2.93
S SO4 E . 1.26 -2.30 18.82
O1 SO4 E . 2.41 -3.05 18.27
O2 SO4 E . 1.69 -1.07 19.46
O3 SO4 E . 0.55 -3.06 19.87
O4 SO4 E . 0.35 -1.98 17.70
MG MG F . 10.95 -2.46 -11.88
PG ACP G . 8.77 -0.69 -10.28
O1G ACP G . 7.45 -0.58 -11.01
O2G ACP G . 9.88 -0.98 -11.28
O3G ACP G . 9.06 0.53 -9.42
PB ACP G . 8.87 -3.68 -9.75
O1B ACP G . 8.99 -4.52 -8.57
O2B ACP G . 10.12 -3.58 -10.58
C3B ACP G . 8.46 -2.02 -9.09
PA ACP G . 7.63 -4.16 -12.31
O1A ACP G . 8.91 -3.53 -12.70
O2A ACP G . 6.55 -3.27 -12.73
O3A ACP G . 7.66 -4.29 -10.69
O5' ACP G . 7.46 -5.63 -13.01
C5' ACP G . 6.77 -6.57 -12.23
C4' ACP G . 7.46 -7.95 -12.36
O4' ACP G . 7.96 -8.05 -13.55
C3' ACP G . 8.64 -7.98 -11.36
O3' ACP G . 8.72 -9.21 -10.78
C2' ACP G . 9.85 -7.68 -12.25
O2' ACP G . 11.12 -8.27 -11.67
C1' ACP G . 9.54 -8.23 -13.38
N9 ACP G . 10.19 -7.51 -14.45
C8 ACP G . 10.08 -6.19 -14.74
N7 ACP G . 10.85 -5.94 -15.81
C5 ACP G . 11.42 -7.11 -16.18
C6 ACP G . 12.29 -7.41 -17.19
N6 ACP G . 12.97 -6.61 -18.29
N1 ACP G . 12.71 -8.68 -17.35
C2 ACP G . 12.27 -9.66 -16.50
N3 ACP G . 11.41 -9.35 -15.49
C4 ACP G . 11.00 -8.07 -15.34
#